data_6J12
#
_entry.id   6J12
#
_entity_poly.entity_id   1
_entity_poly.type   'polypeptide(L)'
_entity_poly.pdbx_seq_one_letter_code
;KYEITTIHNLFRKLTHRLFRRNFGYTLR
;
_entity_poly.pdbx_strand_id   A
#
# COMPACT_ATOMS: atom_id res chain seq x y z
N LYS A 1 3.08 0.14 -11.38
CA LYS A 1 1.71 0.37 -10.97
C LYS A 1 1.42 -0.28 -9.62
N TYR A 2 2.41 -1.00 -9.09
CA TYR A 2 2.27 -1.67 -7.80
C TYR A 2 3.33 -1.17 -6.81
N GLU A 3 4.56 -1.64 -7.01
CA GLU A 3 5.66 -1.25 -6.14
C GLU A 3 6.08 0.19 -6.41
N ILE A 4 5.54 0.77 -7.47
CA ILE A 4 5.86 2.14 -7.84
C ILE A 4 5.47 3.12 -6.73
N THR A 5 4.49 2.72 -5.92
CA THR A 5 4.03 3.56 -4.83
C THR A 5 4.89 3.37 -3.58
N THR A 6 5.39 2.14 -3.40
CA THR A 6 6.23 1.84 -2.25
C THR A 6 7.70 2.06 -2.57
N ILE A 7 8.33 3.01 -1.88
CA ILE A 7 9.73 3.31 -2.10
C ILE A 7 10.58 2.84 -0.93
N HIS A 8 10.52 3.59 0.18
CA HIS A 8 11.28 3.25 1.37
C HIS A 8 10.35 3.03 2.56
N ASN A 9 9.71 4.11 3.01
CA ASN A 9 8.79 4.03 4.14
C ASN A 9 7.39 4.47 3.73
N LEU A 10 7.25 4.90 2.49
CA LEU A 10 5.96 5.35 1.97
C LEU A 10 4.87 4.31 2.23
N PHE A 11 4.90 3.24 1.46
CA PHE A 11 3.91 2.17 1.61
C PHE A 11 4.49 1.01 2.42
N ARG A 12 5.49 1.31 3.25
CA ARG A 12 6.14 0.30 4.08
C ARG A 12 5.54 0.29 5.48
N LYS A 13 4.26 0.65 5.58
CA LYS A 13 3.58 0.68 6.86
C LYS A 13 3.65 -0.67 7.56
N LEU A 14 4.35 -0.72 8.68
CA LEU A 14 4.50 -1.95 9.44
C LEU A 14 3.15 -2.43 9.98
N THR A 15 2.23 -1.49 10.17
CA THR A 15 0.91 -1.81 10.68
C THR A 15 -0.17 -1.41 9.68
N HIS A 16 -0.26 -2.15 8.58
CA HIS A 16 -1.26 -1.87 7.55
C HIS A 16 -2.65 -2.29 7.99
N ARG A 17 -3.23 -1.54 8.93
CA ARG A 17 -4.55 -1.85 9.45
C ARG A 17 -5.61 -1.00 8.77
N LEU A 18 -5.21 0.19 8.32
CA LEU A 18 -6.13 1.11 7.65
C LEU A 18 -5.81 1.21 6.17
N PHE A 19 -4.55 0.95 5.81
CA PHE A 19 -4.12 1.00 4.42
C PHE A 19 -4.58 -0.24 3.66
N ARG A 20 -4.78 -1.33 4.39
CA ARG A 20 -5.22 -2.58 3.78
C ARG A 20 -6.48 -2.37 2.95
N ARG A 21 -7.33 -1.45 3.39
CA ARG A 21 -8.58 -1.15 2.70
C ARG A 21 -8.31 -0.34 1.44
N ASN A 22 -7.21 0.41 1.45
CA ASN A 22 -6.84 1.25 0.30
C ASN A 22 -6.08 0.44 -0.74
N PHE A 23 -5.30 -0.53 -0.26
CA PHE A 23 -4.50 -1.37 -1.15
C PHE A 23 -5.39 -2.01 -2.23
N GLY A 24 -6.65 -2.22 -1.89
CA GLY A 24 -7.58 -2.82 -2.84
C GLY A 24 -7.70 -2.01 -4.12
N TYR A 25 -7.34 -0.74 -4.05
CA TYR A 25 -7.41 0.15 -5.21
C TYR A 25 -6.16 0.02 -6.07
N THR A 26 -5.05 -0.35 -5.43
CA THR A 26 -3.77 -0.50 -6.14
C THR A 26 -3.60 -1.93 -6.64
N LEU A 27 -4.15 -2.89 -5.90
CA LEU A 27 -4.05 -4.29 -6.27
C LEU A 27 -5.05 -4.63 -7.39
N ARG A 28 -6.18 -3.93 -7.38
CA ARG A 28 -7.22 -4.16 -8.39
C ARG A 28 -7.47 -2.89 -9.20
N LYS A 1 9.27 8.54 -9.87
CA LYS A 1 10.69 8.57 -10.21
C LYS A 1 11.55 8.70 -8.94
N TYR A 2 10.89 8.85 -7.80
CA TYR A 2 11.59 8.98 -6.53
C TYR A 2 11.17 7.87 -5.57
N GLU A 3 9.98 7.99 -5.01
CA GLU A 3 9.47 7.00 -4.06
C GLU A 3 9.08 5.71 -4.80
N ILE A 4 9.08 5.77 -6.12
CA ILE A 4 8.72 4.61 -6.93
C ILE A 4 9.67 3.45 -6.67
N THR A 5 10.89 3.77 -6.24
CA THR A 5 11.90 2.74 -5.95
C THR A 5 11.57 2.01 -4.66
N THR A 6 10.94 2.71 -3.72
CA THR A 6 10.58 2.12 -2.44
C THR A 6 9.18 1.50 -2.49
N ILE A 7 9.13 0.18 -2.32
CA ILE A 7 7.86 -0.54 -2.35
C ILE A 7 7.60 -1.25 -1.03
N HIS A 8 8.30 -2.38 -0.83
CA HIS A 8 8.15 -3.16 0.39
C HIS A 8 8.68 -2.39 1.59
N ASN A 9 9.42 -1.33 1.33
CA ASN A 9 10.00 -0.51 2.39
C ASN A 9 8.94 0.40 3.01
N LEU A 10 7.86 0.63 2.28
CA LEU A 10 6.78 1.47 2.76
C LEU A 10 5.50 0.66 2.95
N PHE A 11 5.39 -0.44 2.23
CA PHE A 11 4.22 -1.30 2.31
C PHE A 11 4.25 -2.14 3.59
N ARG A 12 4.09 -1.47 4.73
CA ARG A 12 4.11 -2.14 6.03
C ARG A 12 2.79 -1.92 6.76
N LYS A 13 2.65 -0.75 7.38
CA LYS A 13 1.44 -0.40 8.12
C LYS A 13 0.80 0.85 7.55
N LEU A 14 1.62 1.83 7.18
CA LEU A 14 1.12 3.08 6.63
C LEU A 14 0.32 2.84 5.36
N THR A 15 0.51 1.67 4.76
CA THR A 15 -0.20 1.30 3.54
C THR A 15 -1.40 0.43 3.85
N HIS A 16 -1.16 -0.70 4.49
CA HIS A 16 -2.22 -1.63 4.85
C HIS A 16 -3.23 -0.97 5.78
N ARG A 17 -2.82 0.13 6.40
CA ARG A 17 -3.70 0.86 7.31
C ARG A 17 -5.03 1.18 6.66
N LEU A 18 -4.99 1.55 5.38
CA LEU A 18 -6.20 1.88 4.64
C LEU A 18 -6.35 0.97 3.43
N PHE A 19 -5.23 0.58 2.84
CA PHE A 19 -5.24 -0.30 1.67
C PHE A 19 -5.92 -1.63 1.99
N ARG A 20 -5.77 -2.08 3.24
CA ARG A 20 -6.36 -3.34 3.67
C ARG A 20 -7.62 -3.08 4.49
N ARG A 21 -8.37 -2.05 4.12
CA ARG A 21 -9.60 -1.71 4.82
C ARG A 21 -10.82 -1.87 3.92
N ASN A 22 -10.98 -0.92 3.00
CA ASN A 22 -12.10 -0.95 2.06
C ASN A 22 -11.67 -1.54 0.71
N PHE A 23 -10.41 -1.31 0.36
CA PHE A 23 -9.88 -1.81 -0.91
C PHE A 23 -9.94 -3.34 -0.95
N GLY A 24 -9.95 -3.96 0.21
CA GLY A 24 -10.01 -5.41 0.28
C GLY A 24 -11.21 -5.97 -0.47
N TYR A 25 -12.25 -5.16 -0.60
CA TYR A 25 -13.46 -5.59 -1.29
C TYR A 25 -13.28 -5.49 -2.80
N THR A 26 -12.45 -4.55 -3.24
CA THR A 26 -12.18 -4.34 -4.66
C THR A 26 -11.09 -5.28 -5.15
N LEU A 27 -10.15 -5.61 -4.26
CA LEU A 27 -9.05 -6.49 -4.61
C LEU A 27 -9.55 -7.90 -4.93
N ARG A 28 -10.64 -8.30 -4.27
CA ARG A 28 -11.22 -9.61 -4.48
C ARG A 28 -11.53 -9.84 -5.96
N LYS A 1 9.99 4.52 -9.35
CA LYS A 1 10.38 5.47 -8.31
C LYS A 1 9.23 6.42 -7.98
N TYR A 2 8.11 6.24 -8.68
CA TYR A 2 6.93 7.07 -8.46
C TYR A 2 5.73 6.22 -8.05
N GLU A 3 5.09 5.61 -9.04
CA GLU A 3 3.92 4.77 -8.80
C GLU A 3 4.30 3.28 -8.87
N ILE A 4 5.58 3.01 -9.09
CA ILE A 4 6.08 1.64 -9.18
C ILE A 4 6.84 1.25 -7.93
N THR A 5 7.23 2.24 -7.14
CA THR A 5 7.98 2.00 -5.90
C THR A 5 7.04 1.97 -4.70
N THR A 6 5.76 1.81 -4.97
CA THR A 6 4.76 1.76 -3.90
C THR A 6 4.65 0.36 -3.31
N ILE A 7 5.67 -0.04 -2.56
CA ILE A 7 5.69 -1.36 -1.94
C ILE A 7 5.81 -1.24 -0.42
N HIS A 8 6.99 -0.87 0.05
CA HIS A 8 7.23 -0.73 1.49
C HIS A 8 7.58 0.72 1.83
N ASN A 9 8.16 1.43 0.87
CA ASN A 9 8.55 2.82 1.08
C ASN A 9 7.38 3.64 1.60
N LEU A 10 6.43 3.94 0.71
CA LEU A 10 5.25 4.72 1.08
C LEU A 10 4.56 4.11 2.30
N PHE A 11 4.14 2.85 2.17
CA PHE A 11 3.46 2.16 3.25
C PHE A 11 4.30 0.96 3.73
N ARG A 12 4.74 1.02 4.98
CA ARG A 12 5.54 -0.05 5.56
C ARG A 12 4.74 -0.80 6.61
N LYS A 13 4.52 -0.16 7.75
CA LYS A 13 3.77 -0.77 8.85
C LYS A 13 2.28 -0.51 8.71
N LEU A 14 1.93 0.64 8.13
CA LEU A 14 0.53 1.01 7.94
C LEU A 14 -0.15 0.05 6.97
N THR A 15 0.66 -0.72 6.24
CA THR A 15 0.13 -1.69 5.28
C THR A 15 -0.92 -2.59 5.93
N HIS A 16 -0.72 -2.88 7.22
CA HIS A 16 -1.65 -3.74 7.95
C HIS A 16 -2.56 -2.90 8.85
N ARG A 17 -2.11 -1.70 9.19
CA ARG A 17 -2.87 -0.81 10.04
C ARG A 17 -4.24 -0.51 9.43
N LEU A 18 -4.25 0.33 8.40
CA LEU A 18 -5.49 0.70 7.73
C LEU A 18 -5.44 0.31 6.25
N PHE A 19 -4.26 0.39 5.67
CA PHE A 19 -4.08 0.03 4.26
C PHE A 19 -4.54 -1.39 3.99
N ARG A 20 -4.49 -2.22 5.02
CA ARG A 20 -4.90 -3.62 4.90
C ARG A 20 -6.31 -3.72 4.30
N ARG A 21 -7.14 -2.73 4.61
CA ARG A 21 -8.52 -2.72 4.12
C ARG A 21 -8.58 -2.15 2.70
N ASN A 22 -7.68 -1.22 2.41
CA ASN A 22 -7.63 -0.58 1.09
C ASN A 22 -7.18 -1.59 0.03
N PHE A 23 -6.31 -2.52 0.43
CA PHE A 23 -5.80 -3.54 -0.48
C PHE A 23 -6.94 -4.31 -1.13
N GLY A 24 -8.07 -4.38 -0.42
CA GLY A 24 -9.22 -5.10 -0.94
C GLY A 24 -9.63 -4.63 -2.32
N TYR A 25 -9.33 -3.38 -2.63
CA TYR A 25 -9.66 -2.81 -3.93
C TYR A 25 -8.67 -3.26 -5.00
N THR A 26 -7.44 -3.54 -4.58
CA THR A 26 -6.40 -3.98 -5.50
C THR A 26 -6.45 -5.49 -5.69
N LEU A 27 -6.87 -6.21 -4.66
CA LEU A 27 -6.96 -7.66 -4.72
C LEU A 27 -8.23 -8.10 -5.44
N ARG A 28 -9.26 -7.26 -5.38
CA ARG A 28 -10.53 -7.55 -6.02
C ARG A 28 -10.35 -7.70 -7.53
N LYS A 1 7.64 2.85 -13.52
CA LYS A 1 8.37 1.73 -12.94
C LYS A 1 7.89 1.46 -11.51
N TYR A 2 8.67 0.70 -10.77
CA TYR A 2 8.33 0.36 -9.39
C TYR A 2 9.21 1.14 -8.41
N GLU A 3 10.49 0.79 -8.36
CA GLU A 3 11.43 1.46 -7.46
C GLU A 3 11.39 2.97 -7.67
N ILE A 4 10.91 3.39 -8.83
CA ILE A 4 10.82 4.81 -9.15
C ILE A 4 9.87 5.54 -8.20
N THR A 5 8.91 4.80 -7.66
CA THR A 5 7.95 5.37 -6.72
C THR A 5 8.15 4.82 -5.32
N THR A 6 8.50 5.69 -4.38
CA THR A 6 8.72 5.29 -3.01
C THR A 6 7.45 4.73 -2.38
N ILE A 7 6.30 5.10 -2.95
CA ILE A 7 5.02 4.62 -2.45
C ILE A 7 4.93 3.10 -2.51
N HIS A 8 4.74 2.57 -3.73
CA HIS A 8 4.64 1.14 -3.92
C HIS A 8 5.97 0.45 -3.60
N ASN A 9 7.03 1.24 -3.51
CA ASN A 9 8.36 0.71 -3.21
C ASN A 9 8.35 -0.05 -1.89
N LEU A 10 8.21 0.69 -0.80
CA LEU A 10 8.19 0.09 0.54
C LEU A 10 6.85 0.36 1.23
N PHE A 11 5.76 0.03 0.55
CA PHE A 11 4.43 0.22 1.10
C PHE A 11 4.10 -0.86 2.12
N ARG A 12 4.91 -0.95 3.18
CA ARG A 12 4.70 -1.94 4.22
C ARG A 12 4.33 -1.26 5.54
N LYS A 13 3.11 -0.74 5.62
CA LYS A 13 2.64 -0.08 6.83
C LYS A 13 2.77 -0.99 8.04
N LEU A 14 3.58 -0.56 9.01
CA LEU A 14 3.79 -1.34 10.23
C LEU A 14 2.46 -1.71 10.89
N THR A 15 1.48 -0.81 10.75
CA THR A 15 0.16 -1.04 11.33
C THR A 15 -0.92 -1.07 10.24
N HIS A 16 -0.93 -2.14 9.46
CA HIS A 16 -1.91 -2.28 8.39
C HIS A 16 -3.28 -2.65 8.95
N ARG A 17 -3.91 -1.69 9.63
CA ARG A 17 -5.23 -1.91 10.21
C ARG A 17 -6.30 -1.13 9.47
N LEU A 18 -5.92 0.02 8.93
CA LEU A 18 -6.85 0.87 8.19
C LEU A 18 -6.48 0.90 6.71
N PHE A 19 -5.20 0.81 6.42
CA PHE A 19 -4.72 0.83 5.04
C PHE A 19 -5.16 -0.43 4.29
N ARG A 20 -5.36 -1.51 5.04
CA ARG A 20 -5.78 -2.77 4.45
C ARG A 20 -7.21 -2.68 3.92
N ARG A 21 -8.00 -1.79 4.51
CA ARG A 21 -9.38 -1.60 4.11
C ARG A 21 -9.47 -0.68 2.90
N ASN A 22 -8.51 0.23 2.77
CA ASN A 22 -8.48 1.17 1.66
C ASN A 22 -7.95 0.51 0.40
N PHE A 23 -7.03 -0.44 0.59
CA PHE A 23 -6.43 -1.15 -0.54
C PHE A 23 -7.49 -1.90 -1.34
N GLY A 24 -8.59 -2.24 -0.68
CA GLY A 24 -9.66 -2.96 -1.34
C GLY A 24 -10.19 -2.21 -2.55
N TYR A 25 -10.00 -0.89 -2.56
CA TYR A 25 -10.47 -0.06 -3.67
C TYR A 25 -9.49 -0.09 -4.83
N THR A 26 -8.21 -0.34 -4.52
CA THR A 26 -7.17 -0.40 -5.52
C THR A 26 -7.02 -1.81 -6.07
N LEU A 27 -7.26 -2.80 -5.22
CA LEU A 27 -7.14 -4.20 -5.62
C LEU A 27 -8.43 -4.69 -6.29
N ARG A 28 -9.56 -4.11 -5.88
CA ARG A 28 -10.84 -4.48 -6.44
C ARG A 28 -11.50 -3.29 -7.13
N LYS A 1 8.10 10.27 1.06
CA LYS A 1 8.17 9.60 2.35
C LYS A 1 6.77 9.30 2.89
N TYR A 2 5.75 9.81 2.19
CA TYR A 2 4.37 9.60 2.59
C TYR A 2 3.59 8.89 1.49
N GLU A 3 3.24 9.63 0.45
CA GLU A 3 2.49 9.07 -0.67
C GLU A 3 3.43 8.61 -1.78
N ILE A 4 4.50 9.35 -1.99
CA ILE A 4 5.48 9.01 -3.03
C ILE A 4 6.36 7.85 -2.58
N THR A 5 6.19 7.42 -1.33
CA THR A 5 6.97 6.31 -0.79
C THR A 5 6.58 5.00 -1.46
N THR A 6 5.48 5.02 -2.20
CA THR A 6 5.01 3.82 -2.89
C THR A 6 5.65 3.70 -4.28
N ILE A 7 6.67 2.85 -4.38
CA ILE A 7 7.37 2.65 -5.64
C ILE A 7 7.28 1.18 -6.08
N HIS A 8 8.11 0.34 -5.48
CA HIS A 8 8.13 -1.08 -5.81
C HIS A 8 7.87 -1.92 -4.55
N ASN A 9 8.88 -2.02 -3.70
CA ASN A 9 8.78 -2.80 -2.47
C ASN A 9 9.03 -1.92 -1.24
N LEU A 10 8.74 -0.63 -1.38
CA LEU A 10 8.94 0.31 -0.28
C LEU A 10 7.63 0.57 0.46
N PHE A 11 7.18 -0.43 1.21
CA PHE A 11 5.93 -0.31 1.97
C PHE A 11 6.20 -0.46 3.47
N ARG A 12 5.94 0.60 4.22
CA ARG A 12 6.15 0.58 5.66
C ARG A 12 4.85 0.87 6.40
N LYS A 13 4.44 2.14 6.41
CA LYS A 13 3.22 2.54 7.08
C LYS A 13 2.00 2.03 6.34
N LEU A 14 2.09 1.97 5.01
CA LEU A 14 0.99 1.50 4.18
C LEU A 14 1.15 0.01 3.87
N THR A 15 1.92 -0.69 4.71
CA THR A 15 2.15 -2.11 4.52
C THR A 15 0.83 -2.86 4.35
N HIS A 16 0.11 -3.04 5.46
CA HIS A 16 -1.17 -3.75 5.44
C HIS A 16 -2.29 -2.84 5.93
N ARG A 17 -2.07 -1.53 5.86
CA ARG A 17 -3.06 -0.56 6.30
C ARG A 17 -3.73 0.11 5.10
N LEU A 18 -2.95 0.33 4.04
CA LEU A 18 -3.46 0.97 2.84
C LEU A 18 -3.31 0.04 1.63
N PHE A 19 -3.26 -1.26 1.89
CA PHE A 19 -3.13 -2.25 0.83
C PHE A 19 -4.36 -3.15 0.77
N ARG A 20 -5.05 -3.29 1.90
CA ARG A 20 -6.24 -4.11 1.98
C ARG A 20 -7.26 -3.70 0.93
N ARG A 21 -7.27 -2.41 0.61
CA ARG A 21 -8.21 -1.88 -0.38
C ARG A 21 -7.82 -2.32 -1.79
N ASN A 22 -6.51 -2.44 -2.01
CA ASN A 22 -6.00 -2.85 -3.33
C ASN A 22 -6.08 -4.36 -3.48
N PHE A 23 -5.89 -5.09 -2.38
CA PHE A 23 -5.93 -6.54 -2.41
C PHE A 23 -7.27 -7.04 -2.93
N GLY A 24 -8.30 -6.20 -2.80
CA GLY A 24 -9.62 -6.57 -3.27
C GLY A 24 -9.63 -6.97 -4.73
N TYR A 25 -8.64 -6.50 -5.48
CA TYR A 25 -8.55 -6.81 -6.90
C TYR A 25 -7.83 -8.14 -7.12
N THR A 26 -6.99 -8.52 -6.15
CA THR A 26 -6.25 -9.77 -6.24
C THR A 26 -7.02 -10.92 -5.61
N LEU A 27 -7.81 -10.61 -4.59
CA LEU A 27 -8.61 -11.62 -3.91
C LEU A 27 -10.05 -11.60 -4.39
N ARG A 28 -10.54 -10.41 -4.72
CA ARG A 28 -11.91 -10.26 -5.21
C ARG A 28 -11.92 -9.65 -6.61
N LYS A 1 10.77 -2.54 -3.63
CA LYS A 1 9.34 -2.23 -3.60
C LYS A 1 8.91 -1.59 -4.92
N TYR A 2 7.96 -2.25 -5.59
CA TYR A 2 7.46 -1.75 -6.87
C TYR A 2 5.95 -1.51 -6.80
N GLU A 3 5.18 -2.60 -6.83
CA GLU A 3 3.73 -2.50 -6.78
C GLU A 3 3.24 -2.51 -5.33
N ILE A 4 4.00 -3.18 -4.46
CA ILE A 4 3.65 -3.26 -3.05
C ILE A 4 3.73 -1.90 -2.38
N THR A 5 4.35 -0.95 -3.06
CA THR A 5 4.50 0.40 -2.53
C THR A 5 3.65 1.39 -3.31
N THR A 6 2.72 2.05 -2.61
CA THR A 6 1.84 3.02 -3.23
C THR A 6 2.63 4.05 -4.04
N ILE A 7 3.27 4.98 -3.34
CA ILE A 7 4.06 6.02 -4.00
C ILE A 7 5.55 5.79 -3.77
N HIS A 8 6.06 6.28 -2.64
CA HIS A 8 7.46 6.13 -2.29
C HIS A 8 7.62 5.47 -0.93
N ASN A 9 7.42 6.24 0.13
CA ASN A 9 7.54 5.73 1.49
C ASN A 9 6.28 5.99 2.29
N LEU A 10 5.13 5.87 1.63
CA LEU A 10 3.84 6.09 2.28
C LEU A 10 3.73 5.29 3.57
N PHE A 11 3.48 3.99 3.44
CA PHE A 11 3.36 3.12 4.60
C PHE A 11 4.44 2.03 4.56
N ARG A 12 5.40 2.13 5.47
CA ARG A 12 6.48 1.16 5.54
C ARG A 12 5.93 -0.26 5.62
N LYS A 13 4.81 -0.43 6.31
CA LYS A 13 4.18 -1.73 6.46
C LYS A 13 2.83 -1.77 5.74
N LEU A 14 2.82 -2.38 4.57
CA LEU A 14 1.59 -2.49 3.77
C LEU A 14 0.87 -3.80 4.07
N THR A 15 0.87 -4.20 5.33
CA THR A 15 0.20 -5.43 5.75
C THR A 15 -1.23 -5.17 6.19
N HIS A 16 -1.39 -4.69 7.41
CA HIS A 16 -2.71 -4.40 7.95
C HIS A 16 -2.82 -2.93 8.37
N ARG A 17 -1.75 -2.17 8.11
CA ARG A 17 -1.72 -0.75 8.46
C ARG A 17 -2.76 0.03 7.65
N LEU A 18 -2.41 0.34 6.41
CA LEU A 18 -3.32 1.08 5.53
C LEU A 18 -3.63 0.28 4.28
N PHE A 19 -2.64 -0.46 3.79
CA PHE A 19 -2.80 -1.26 2.59
C PHE A 19 -4.05 -2.14 2.68
N ARG A 20 -4.36 -2.57 3.90
CA ARG A 20 -5.53 -3.42 4.14
C ARG A 20 -6.78 -2.79 3.52
N ARG A 21 -6.86 -1.46 3.55
CA ARG A 21 -8.00 -0.74 2.99
C ARG A 21 -7.57 0.20 1.88
N ASN A 22 -6.38 -0.06 1.32
CA ASN A 22 -5.84 0.77 0.25
C ASN A 22 -5.70 -0.04 -1.03
N PHE A 23 -5.69 -1.36 -0.91
CA PHE A 23 -5.56 -2.25 -2.05
C PHE A 23 -6.56 -1.88 -3.14
N GLY A 24 -7.76 -1.50 -2.72
CA GLY A 24 -8.79 -1.12 -3.68
C GLY A 24 -8.33 -0.05 -4.64
N TYR A 25 -7.36 0.74 -4.21
CA TYR A 25 -6.83 1.83 -5.03
C TYR A 25 -5.47 1.46 -5.61
N THR A 26 -4.82 0.48 -5.00
CA THR A 26 -3.51 0.03 -5.44
C THR A 26 -3.63 -0.98 -6.58
N LEU A 27 -4.21 -2.14 -6.27
CA LEU A 27 -4.39 -3.19 -7.26
C LEU A 27 -5.71 -3.01 -8.01
N ARG A 28 -6.67 -2.36 -7.37
CA ARG A 28 -7.97 -2.12 -7.97
C ARG A 28 -8.13 -0.64 -8.35
N LYS A 1 13.91 7.97 -3.54
CA LYS A 1 15.27 7.72 -3.08
C LYS A 1 15.39 6.31 -2.49
N TYR A 2 14.91 6.14 -1.26
CA TYR A 2 14.97 4.85 -0.60
C TYR A 2 13.57 4.36 -0.24
N GLU A 3 12.98 4.96 0.79
CA GLU A 3 11.65 4.57 1.24
C GLU A 3 10.61 5.55 0.72
N ILE A 4 11.01 6.39 -0.24
CA ILE A 4 10.11 7.38 -0.82
C ILE A 4 9.92 7.14 -2.30
N THR A 5 10.95 6.63 -2.96
CA THR A 5 10.89 6.36 -4.38
C THR A 5 9.66 5.52 -4.73
N THR A 6 9.24 4.68 -3.80
CA THR A 6 8.07 3.82 -4.00
C THR A 6 6.95 4.19 -3.05
N ILE A 7 5.80 4.58 -3.60
CA ILE A 7 4.65 4.95 -2.79
C ILE A 7 3.52 3.94 -2.94
N HIS A 8 2.84 3.98 -4.07
CA HIS A 8 1.74 3.06 -4.34
C HIS A 8 2.26 1.64 -4.55
N ASN A 9 3.57 1.51 -4.70
CA ASN A 9 4.19 0.21 -4.90
C ASN A 9 4.33 -0.55 -3.58
N LEU A 10 4.67 0.18 -2.52
CA LEU A 10 4.84 -0.41 -1.21
C LEU A 10 3.88 0.21 -0.20
N PHE A 11 2.79 0.78 -0.71
CA PHE A 11 1.79 1.41 0.15
C PHE A 11 1.15 0.39 1.09
N ARG A 12 1.09 -0.86 0.64
CA ARG A 12 0.50 -1.93 1.43
C ARG A 12 1.53 -3.02 1.73
N LYS A 13 2.80 -2.64 1.70
CA LYS A 13 3.89 -3.58 1.95
C LYS A 13 3.90 -4.01 3.42
N LEU A 14 4.38 -3.11 4.29
CA LEU A 14 4.45 -3.39 5.72
C LEU A 14 3.56 -2.43 6.49
N THR A 15 3.29 -1.27 5.92
CA THR A 15 2.45 -0.27 6.56
C THR A 15 1.19 -0.01 5.75
N HIS A 16 0.29 -0.98 5.74
CA HIS A 16 -0.97 -0.86 5.02
C HIS A 16 -1.94 0.05 5.75
N ARG A 17 -1.62 1.34 5.81
CA ARG A 17 -2.45 2.32 6.48
C ARG A 17 -3.90 2.22 5.99
N LEU A 18 -4.13 2.74 4.78
CA LEU A 18 -5.47 2.72 4.19
C LEU A 18 -5.51 1.80 2.98
N PHE A 19 -4.79 0.69 3.06
CA PHE A 19 -4.73 -0.27 1.96
C PHE A 19 -5.27 -1.63 2.41
N ARG A 20 -5.09 -1.93 3.69
CA ARG A 20 -5.55 -3.20 4.25
C ARG A 20 -7.06 -3.33 4.11
N ARG A 21 -7.77 -2.21 4.17
CA ARG A 21 -9.21 -2.20 4.05
C ARG A 21 -9.64 -2.06 2.58
N ASN A 22 -8.83 -1.35 1.81
CA ASN A 22 -9.12 -1.15 0.39
C ASN A 22 -9.20 -2.48 -0.36
N PHE A 23 -8.39 -3.44 0.09
CA PHE A 23 -8.37 -4.77 -0.54
C PHE A 23 -9.75 -5.42 -0.46
N GLY A 24 -10.53 -5.03 0.53
CA GLY A 24 -11.86 -5.59 0.69
C GLY A 24 -12.72 -5.42 -0.54
N TYR A 25 -12.42 -4.39 -1.33
CA TYR A 25 -13.17 -4.11 -2.54
C TYR A 25 -12.73 -5.02 -3.68
N THR A 26 -11.48 -5.47 -3.61
CA THR A 26 -10.93 -6.34 -4.64
C THR A 26 -11.18 -7.81 -4.30
N LEU A 27 -11.20 -8.12 -3.01
CA LEU A 27 -11.43 -9.49 -2.55
C LEU A 27 -12.78 -9.61 -1.85
N ARG A 28 -13.71 -8.75 -2.23
CA ARG A 28 -15.05 -8.75 -1.63
C ARG A 28 -15.68 -10.14 -1.73
N LYS A 1 12.49 -0.91 -9.32
CA LYS A 1 12.73 -1.43 -7.97
C LYS A 1 13.06 -0.31 -7.00
N TYR A 2 13.18 0.90 -7.52
CA TYR A 2 13.50 2.07 -6.69
C TYR A 2 12.40 3.13 -6.79
N GLU A 3 12.38 3.84 -7.91
CA GLU A 3 11.38 4.88 -8.13
C GLU A 3 10.00 4.27 -8.39
N ILE A 4 9.97 2.95 -8.60
CA ILE A 4 8.73 2.24 -8.87
C ILE A 4 7.76 2.39 -7.70
N THR A 5 8.30 2.69 -6.52
CA THR A 5 7.48 2.86 -5.33
C THR A 5 7.50 4.30 -4.85
N THR A 6 6.33 4.92 -4.78
CA THR A 6 6.21 6.30 -4.35
C THR A 6 5.57 6.39 -2.96
N ILE A 7 4.25 6.37 -2.92
CA ILE A 7 3.53 6.43 -1.65
C ILE A 7 2.61 5.23 -1.48
N HIS A 8 1.46 5.26 -2.14
CA HIS A 8 0.50 4.17 -2.06
C HIS A 8 1.11 2.87 -2.55
N ASN A 9 2.18 2.98 -3.33
CA ASN A 9 2.86 1.81 -3.87
C ASN A 9 3.23 0.83 -2.76
N LEU A 10 4.26 1.16 -2.00
CA LEU A 10 4.72 0.32 -0.90
C LEU A 10 4.67 1.08 0.42
N PHE A 11 3.49 1.17 1.01
CA PHE A 11 3.31 1.86 2.27
C PHE A 11 2.92 0.88 3.39
N ARG A 12 2.17 -0.15 3.02
CA ARG A 12 1.73 -1.14 3.98
C ARG A 12 2.70 -2.33 4.02
N LYS A 13 3.64 -2.27 4.96
CA LYS A 13 4.64 -3.33 5.10
C LYS A 13 4.19 -4.35 6.14
N LEU A 14 4.35 -4.01 7.40
CA LEU A 14 3.95 -4.89 8.50
C LEU A 14 2.90 -4.24 9.39
N THR A 15 2.63 -2.96 9.12
CA THR A 15 1.64 -2.22 9.90
C THR A 15 0.38 -1.95 9.08
N HIS A 16 -0.36 -3.01 8.77
CA HIS A 16 -1.59 -2.89 7.99
C HIS A 16 -2.71 -2.31 8.84
N ARG A 17 -2.59 -1.03 9.18
CA ARG A 17 -3.61 -0.37 9.99
C ARG A 17 -4.82 0.01 9.14
N LEU A 18 -4.67 1.06 8.35
CA LEU A 18 -5.75 1.53 7.49
C LEU A 18 -5.38 1.41 6.02
N PHE A 19 -4.07 1.42 5.74
CA PHE A 19 -3.57 1.32 4.38
C PHE A 19 -4.11 0.05 3.71
N ARG A 20 -4.44 -0.95 4.52
CA ARG A 20 -4.95 -2.20 4.00
C ARG A 20 -6.44 -2.08 3.67
N ARG A 21 -7.14 -1.25 4.42
CA ARG A 21 -8.58 -1.04 4.22
C ARG A 21 -8.82 -0.13 3.03
N ASN A 22 -7.88 0.77 2.77
CA ASN A 22 -8.00 1.71 1.66
C ASN A 22 -7.60 1.05 0.35
N PHE A 23 -6.66 0.13 0.41
CA PHE A 23 -6.18 -0.58 -0.77
C PHE A 23 -7.32 -1.36 -1.42
N GLY A 24 -8.32 -1.73 -0.62
CA GLY A 24 -9.45 -2.47 -1.13
C GLY A 24 -10.10 -1.80 -2.32
N TYR A 25 -9.95 -0.48 -2.41
CA TYR A 25 -10.53 0.29 -3.50
C TYR A 25 -9.66 0.21 -4.75
N THR A 26 -8.35 0.04 -4.54
CA THR A 26 -7.41 -0.06 -5.64
C THR A 26 -7.29 -1.49 -6.15
N LEU A 27 -7.44 -2.45 -5.24
CA LEU A 27 -7.36 -3.86 -5.60
C LEU A 27 -8.73 -4.40 -5.98
N ARG A 28 -9.77 -3.88 -5.36
CA ARG A 28 -11.13 -4.31 -5.63
C ARG A 28 -11.98 -3.15 -6.14
N LYS A 1 8.19 6.63 -8.27
CA LYS A 1 7.76 8.00 -8.56
C LYS A 1 6.82 8.51 -7.47
N TYR A 2 5.56 8.11 -7.54
CA TYR A 2 4.57 8.54 -6.56
C TYR A 2 3.94 7.33 -5.86
N GLU A 3 3.03 6.66 -6.55
CA GLU A 3 2.35 5.49 -5.99
C GLU A 3 3.00 4.21 -6.50
N ILE A 4 4.19 4.33 -7.07
CA ILE A 4 4.92 3.17 -7.60
C ILE A 4 6.18 2.92 -6.80
N THR A 5 6.77 3.97 -6.25
CA THR A 5 7.99 3.86 -5.47
C THR A 5 7.70 3.24 -4.10
N THR A 6 6.42 3.07 -3.80
CA THR A 6 6.01 2.49 -2.52
C THR A 6 5.85 0.97 -2.64
N ILE A 7 6.88 0.24 -2.22
CA ILE A 7 6.85 -1.21 -2.29
C ILE A 7 7.02 -1.82 -0.90
N HIS A 8 8.26 -1.78 -0.38
CA HIS A 8 8.56 -2.32 0.93
C HIS A 8 9.09 -1.23 1.86
N ASN A 9 9.79 -0.26 1.28
CA ASN A 9 10.36 0.84 2.05
C ASN A 9 9.30 1.49 2.94
N LEU A 10 8.42 2.27 2.33
CA LEU A 10 7.35 2.94 3.07
C LEU A 10 6.41 1.93 3.71
N PHE A 11 6.23 0.80 3.04
CA PHE A 11 5.35 -0.26 3.55
C PHE A 11 5.95 -0.92 4.79
N ARG A 12 5.72 -0.31 5.95
CA ARG A 12 6.23 -0.84 7.20
C ARG A 12 5.09 -1.15 8.16
N LYS A 13 4.52 -0.11 8.75
CA LYS A 13 3.42 -0.27 9.69
C LYS A 13 2.08 0.08 9.04
N LEU A 14 2.11 1.04 8.13
CA LEU A 14 0.91 1.46 7.43
C LEU A 14 0.37 0.34 6.54
N THR A 15 1.20 -0.68 6.31
CA THR A 15 0.80 -1.81 5.48
C THR A 15 -0.53 -2.39 5.93
N HIS A 16 -0.79 -2.33 7.23
CA HIS A 16 -2.03 -2.84 7.80
C HIS A 16 -3.00 -1.70 8.12
N ARG A 17 -2.45 -0.49 8.24
CA ARG A 17 -3.26 0.68 8.56
C ARG A 17 -4.46 0.78 7.61
N LEU A 18 -4.19 1.21 6.38
CA LEU A 18 -5.24 1.37 5.39
C LEU A 18 -4.97 0.49 4.17
N PHE A 19 -3.69 0.31 3.85
CA PHE A 19 -3.29 -0.51 2.70
C PHE A 19 -3.87 -1.91 2.82
N ARG A 20 -4.14 -2.35 4.05
CA ARG A 20 -4.70 -3.67 4.29
C ARG A 20 -6.04 -3.82 3.61
N ARG A 21 -6.79 -2.72 3.51
CA ARG A 21 -8.10 -2.75 2.88
C ARG A 21 -8.01 -2.27 1.43
N ASN A 22 -7.06 -1.38 1.16
CA ASN A 22 -6.87 -0.85 -0.19
C ASN A 22 -6.59 -1.98 -1.18
N PHE A 23 -5.93 -3.03 -0.71
CA PHE A 23 -5.59 -4.17 -1.54
C PHE A 23 -6.85 -4.83 -2.08
N GLY A 24 -7.95 -4.67 -1.35
CA GLY A 24 -9.22 -5.25 -1.77
C GLY A 24 -9.66 -4.77 -3.14
N TYR A 25 -9.11 -3.64 -3.57
CA TYR A 25 -9.45 -3.06 -4.86
C TYR A 25 -8.53 -3.59 -5.96
N THR A 26 -7.33 -3.98 -5.57
CA THR A 26 -6.35 -4.50 -6.51
C THR A 26 -6.47 -6.02 -6.65
N LEU A 27 -6.98 -6.66 -5.61
CA LEU A 27 -7.15 -8.11 -5.61
C LEU A 27 -8.62 -8.49 -5.76
N ARG A 28 -9.50 -7.67 -5.20
CA ARG A 28 -10.93 -7.92 -5.26
C ARG A 28 -11.65 -6.76 -5.95
N LYS A 1 14.74 2.59 0.51
CA LYS A 1 13.39 3.07 0.28
C LYS A 1 12.36 2.14 0.90
N TYR A 2 11.57 2.68 1.83
CA TYR A 2 10.55 1.89 2.50
C TYR A 2 9.16 2.49 2.28
N GLU A 3 8.88 3.60 2.95
CA GLU A 3 7.59 4.27 2.82
C GLU A 3 7.66 5.39 1.79
N ILE A 4 8.88 5.83 1.48
CA ILE A 4 9.09 6.89 0.50
C ILE A 4 8.88 6.37 -0.92
N THR A 5 9.05 5.06 -1.11
CA THR A 5 8.90 4.45 -2.42
C THR A 5 7.43 4.33 -2.79
N THR A 6 6.81 5.47 -3.12
CA THR A 6 5.40 5.50 -3.50
C THR A 6 5.23 6.04 -4.91
N ILE A 7 4.97 5.14 -5.85
CA ILE A 7 4.78 5.53 -7.25
C ILE A 7 3.40 5.13 -7.74
N HIS A 8 3.27 3.87 -8.12
CA HIS A 8 1.99 3.35 -8.62
C HIS A 8 1.53 2.15 -7.79
N ASN A 9 2.19 1.01 -7.99
CA ASN A 9 1.85 -0.20 -7.27
C ASN A 9 3.05 -0.72 -6.49
N LEU A 10 3.95 0.18 -6.12
CA LEU A 10 5.15 -0.20 -5.37
C LEU A 10 4.98 0.13 -3.89
N PHE A 11 4.15 -0.66 -3.21
CA PHE A 11 3.91 -0.46 -1.78
C PHE A 11 4.42 -1.65 -0.97
N ARG A 12 5.55 -1.46 -0.31
CA ARG A 12 6.14 -2.52 0.50
C ARG A 12 5.75 -2.37 1.96
N LYS A 13 4.59 -1.76 2.20
CA LYS A 13 4.11 -1.55 3.56
C LYS A 13 3.33 -2.77 4.05
N LEU A 14 3.81 -3.37 5.13
CA LEU A 14 3.16 -4.54 5.70
C LEU A 14 2.23 -4.15 6.85
N THR A 15 1.63 -2.97 6.73
CA THR A 15 0.73 -2.47 7.77
C THR A 15 -0.67 -2.24 7.20
N HIS A 16 -1.38 -3.32 6.91
CA HIS A 16 -2.73 -3.23 6.37
C HIS A 16 -3.73 -2.83 7.45
N ARG A 17 -3.65 -1.58 7.89
CA ARG A 17 -4.55 -1.07 8.93
C ARG A 17 -5.75 -0.37 8.30
N LEU A 18 -5.53 0.83 7.79
CA LEU A 18 -6.61 1.61 7.17
C LEU A 18 -6.48 1.60 5.65
N PHE A 19 -5.25 1.47 5.17
CA PHE A 19 -4.98 1.46 3.74
C PHE A 19 -5.64 0.24 3.08
N ARG A 20 -5.74 -0.84 3.83
CA ARG A 20 -6.35 -2.07 3.32
C ARG A 20 -7.78 -1.81 2.86
N ARG A 21 -8.43 -0.83 3.46
CA ARG A 21 -9.80 -0.47 3.11
C ARG A 21 -9.85 0.30 1.80
N ASN A 22 -8.76 1.01 1.51
CA ASN A 22 -8.67 1.80 0.28
C ASN A 22 -8.16 0.95 -0.88
N PHE A 23 -7.31 -0.02 -0.56
CA PHE A 23 -6.74 -0.91 -1.58
C PHE A 23 -7.85 -1.62 -2.35
N GLY A 24 -8.99 -1.82 -1.69
CA GLY A 24 -10.10 -2.49 -2.33
C GLY A 24 -10.57 -1.78 -3.58
N TYR A 25 -10.27 -0.49 -3.67
CA TYR A 25 -10.67 0.32 -4.82
C TYR A 25 -9.67 0.17 -5.96
N THR A 26 -8.43 -0.15 -5.62
CA THR A 26 -7.38 -0.32 -6.62
C THR A 26 -7.30 -1.76 -7.10
N LEU A 27 -6.76 -2.63 -6.25
CA LEU A 27 -6.62 -4.04 -6.59
C LEU A 27 -7.87 -4.83 -6.18
N ARG A 28 -8.01 -5.07 -4.88
CA ARG A 28 -9.15 -5.80 -4.35
C ARG A 28 -10.45 -5.07 -4.68
N LYS A 1 8.12 2.04 -14.81
CA LYS A 1 7.78 0.63 -15.03
C LYS A 1 8.44 -0.25 -13.98
N TYR A 2 9.28 0.36 -13.14
CA TYR A 2 9.99 -0.37 -12.10
C TYR A 2 9.64 0.19 -10.72
N GLU A 3 10.21 1.34 -10.40
CA GLU A 3 9.96 1.98 -9.11
C GLU A 3 8.56 2.58 -9.05
N ILE A 4 7.89 2.59 -10.20
CA ILE A 4 6.54 3.13 -10.28
C ILE A 4 5.58 2.37 -9.38
N THR A 5 5.92 1.12 -9.10
CA THR A 5 5.09 0.27 -8.24
C THR A 5 5.23 0.66 -6.77
N THR A 6 6.40 1.19 -6.42
CA THR A 6 6.67 1.61 -5.06
C THR A 6 6.42 3.10 -4.88
N ILE A 7 5.42 3.44 -4.07
CA ILE A 7 5.09 4.83 -3.81
C ILE A 7 5.20 5.17 -2.33
N HIS A 8 4.12 4.91 -1.59
CA HIS A 8 4.10 5.19 -0.15
C HIS A 8 3.79 3.91 0.64
N ASN A 9 3.76 2.78 -0.06
CA ASN A 9 3.47 1.50 0.57
C ASN A 9 4.68 0.99 1.35
N LEU A 10 5.16 1.81 2.28
CA LEU A 10 6.31 1.44 3.10
C LEU A 10 5.94 1.37 4.57
N PHE A 11 4.64 1.24 4.84
CA PHE A 11 4.15 1.16 6.21
C PHE A 11 4.51 -0.18 6.84
N ARG A 12 5.26 -0.13 7.93
CA ARG A 12 5.68 -1.35 8.64
C ARG A 12 4.47 -2.24 8.92
N LYS A 13 3.36 -1.62 9.29
CA LYS A 13 2.13 -2.37 9.59
C LYS A 13 0.99 -1.94 8.66
N LEU A 14 1.13 -2.27 7.39
CA LEU A 14 0.10 -1.92 6.40
C LEU A 14 -1.06 -2.90 6.45
N THR A 15 -0.95 -3.90 7.33
CA THR A 15 -1.99 -4.90 7.47
C THR A 15 -3.36 -4.25 7.67
N HIS A 16 -3.63 -3.81 8.90
CA HIS A 16 -4.90 -3.17 9.21
C HIS A 16 -4.67 -1.76 9.77
N ARG A 17 -3.88 -0.97 9.05
CA ARG A 17 -3.59 0.40 9.46
C ARG A 17 -4.19 1.41 8.48
N LEU A 18 -3.53 1.59 7.35
CA LEU A 18 -4.00 2.52 6.33
C LEU A 18 -4.27 1.81 5.01
N PHE A 19 -3.36 0.89 4.64
CA PHE A 19 -3.51 0.13 3.41
C PHE A 19 -4.82 -0.62 3.38
N ARG A 20 -5.37 -0.89 4.56
CA ARG A 20 -6.63 -1.62 4.67
C ARG A 20 -7.80 -0.65 4.79
N ARG A 21 -7.63 0.57 4.29
CA ARG A 21 -8.66 1.58 4.35
C ARG A 21 -9.14 1.94 2.94
N ASN A 22 -8.33 2.70 2.22
CA ASN A 22 -8.67 3.13 0.86
C ASN A 22 -7.97 2.25 -0.17
N PHE A 23 -6.76 1.80 0.17
CA PHE A 23 -5.99 0.95 -0.73
C PHE A 23 -6.74 -0.32 -1.06
N GLY A 24 -7.62 -0.73 -0.16
CA GLY A 24 -8.41 -1.94 -0.38
C GLY A 24 -9.41 -1.79 -1.50
N TYR A 25 -9.77 -0.54 -1.80
CA TYR A 25 -10.74 -0.26 -2.86
C TYR A 25 -10.04 -0.05 -4.19
N THR A 26 -8.82 0.48 -4.15
CA THR A 26 -8.05 0.73 -5.36
C THR A 26 -7.30 -0.52 -5.80
N LEU A 27 -6.23 -0.85 -5.09
CA LEU A 27 -5.43 -2.03 -5.41
C LEU A 27 -6.30 -3.27 -5.50
N ARG A 28 -7.40 -3.29 -4.73
CA ARG A 28 -8.31 -4.42 -4.73
C ARG A 28 -9.70 -3.99 -5.16
N LYS A 1 7.28 -3.93 -10.71
CA LYS A 1 6.78 -2.66 -10.19
C LYS A 1 7.88 -1.60 -10.20
N TYR A 2 7.55 -0.41 -10.69
CA TYR A 2 8.50 0.68 -10.76
C TYR A 2 8.02 1.88 -9.93
N GLU A 3 7.04 2.60 -10.47
CA GLU A 3 6.49 3.76 -9.78
C GLU A 3 5.47 3.35 -8.72
N ILE A 4 5.19 2.04 -8.66
CA ILE A 4 4.24 1.51 -7.69
C ILE A 4 4.94 0.70 -6.61
N THR A 5 6.16 0.25 -6.93
CA THR A 5 6.94 -0.55 -5.98
C THR A 5 7.05 0.16 -4.64
N THR A 6 7.00 1.49 -4.66
CA THR A 6 7.10 2.28 -3.44
C THR A 6 5.84 2.13 -2.59
N ILE A 7 5.80 1.06 -1.79
CA ILE A 7 4.65 0.82 -0.92
C ILE A 7 5.07 0.77 0.54
N HIS A 8 5.69 -0.32 0.96
CA HIS A 8 6.15 -0.48 2.33
C HIS A 8 7.21 0.55 2.68
N ASN A 9 7.78 1.17 1.64
CA ASN A 9 8.81 2.19 1.84
C ASN A 9 8.27 3.38 2.62
N LEU A 10 7.47 4.21 1.95
CA LEU A 10 6.89 5.38 2.58
C LEU A 10 6.19 5.01 3.88
N PHE A 11 5.31 4.01 3.82
CA PHE A 11 4.59 3.57 5.00
C PHE A 11 4.97 2.14 5.37
N ARG A 12 5.54 1.97 6.55
CA ARG A 12 5.96 0.64 7.01
C ARG A 12 5.19 0.24 8.27
N LYS A 13 4.77 1.24 9.04
CA LYS A 13 4.02 0.99 10.27
C LYS A 13 2.52 1.00 10.00
N LEU A 14 2.09 1.86 9.08
CA LEU A 14 0.67 1.96 8.73
C LEU A 14 0.35 1.10 7.52
N THR A 15 1.20 0.11 7.26
CA THR A 15 1.00 -0.78 6.13
C THR A 15 -0.28 -1.58 6.26
N HIS A 16 -0.26 -2.59 7.15
CA HIS A 16 -1.42 -3.43 7.38
C HIS A 16 -2.50 -2.66 8.15
N ARG A 17 -2.15 -1.48 8.63
CA ARG A 17 -3.09 -0.65 9.39
C ARG A 17 -4.39 -0.47 8.63
N LEU A 18 -4.36 0.36 7.60
CA LEU A 18 -5.55 0.63 6.80
C LEU A 18 -5.31 0.25 5.33
N PHE A 19 -4.06 0.41 4.88
CA PHE A 19 -3.69 0.09 3.51
C PHE A 19 -4.13 -1.33 3.15
N ARG A 20 -4.18 -2.20 4.15
CA ARG A 20 -4.58 -3.59 3.94
C ARG A 20 -6.00 -3.66 3.39
N ARG A 21 -6.85 -2.73 3.82
CA ARG A 21 -8.23 -2.69 3.37
C ARG A 21 -8.53 -1.39 2.62
N ASN A 22 -7.48 -0.79 2.07
CA ASN A 22 -7.63 0.46 1.33
C ASN A 22 -7.24 0.27 -0.13
N PHE A 23 -6.50 -0.79 -0.41
CA PHE A 23 -6.06 -1.09 -1.77
C PHE A 23 -7.23 -1.04 -2.75
N GLY A 24 -8.39 -1.53 -2.30
CA GLY A 24 -9.57 -1.53 -3.14
C GLY A 24 -9.87 -0.17 -3.72
N TYR A 25 -9.46 0.88 -3.01
CA TYR A 25 -9.69 2.25 -3.46
C TYR A 25 -8.43 2.85 -4.08
N THR A 26 -7.27 2.44 -3.56
CA THR A 26 -6.00 2.94 -4.06
C THR A 26 -5.48 2.06 -5.19
N LEU A 27 -4.98 0.88 -4.85
CA LEU A 27 -4.45 -0.05 -5.84
C LEU A 27 -5.48 -0.32 -6.94
N ARG A 28 -6.76 -0.20 -6.58
CA ARG A 28 -7.84 -0.44 -7.53
C ARG A 28 -8.46 0.88 -7.97
N LYS A 1 12.72 -1.69 -12.81
CA LYS A 1 11.44 -2.31 -13.16
C LYS A 1 10.91 -3.15 -12.00
N TYR A 2 11.71 -3.25 -10.94
CA TYR A 2 11.31 -4.02 -9.76
C TYR A 2 11.28 -3.14 -8.52
N GLU A 3 12.45 -2.82 -7.99
CA GLU A 3 12.56 -1.99 -6.80
C GLU A 3 12.14 -0.55 -7.11
N ILE A 4 12.05 -0.24 -8.39
CA ILE A 4 11.67 1.10 -8.82
C ILE A 4 10.27 1.47 -8.30
N THR A 5 9.47 0.45 -8.03
CA THR A 5 8.12 0.66 -7.54
C THR A 5 8.14 1.24 -6.13
N THR A 6 9.20 0.95 -5.39
CA THR A 6 9.34 1.44 -4.03
C THR A 6 9.72 2.91 -4.00
N ILE A 7 8.76 3.76 -3.63
CA ILE A 7 9.00 5.20 -3.56
C ILE A 7 8.78 5.73 -2.16
N HIS A 8 7.52 6.05 -1.84
CA HIS A 8 7.17 6.58 -0.52
C HIS A 8 6.13 5.69 0.14
N ASN A 9 5.84 4.55 -0.47
CA ASN A 9 4.85 3.62 0.07
C ASN A 9 5.42 2.83 1.25
N LEU A 10 5.90 3.56 2.25
CA LEU A 10 6.48 2.94 3.44
C LEU A 10 5.68 3.32 4.69
N PHE A 11 4.98 4.43 4.62
CA PHE A 11 4.17 4.90 5.74
C PHE A 11 3.26 3.80 6.26
N ARG A 12 2.85 2.91 5.37
CA ARG A 12 1.97 1.80 5.73
C ARG A 12 2.67 0.47 5.53
N LYS A 13 3.93 0.39 5.94
CA LYS A 13 4.72 -0.83 5.81
C LYS A 13 3.97 -2.02 6.39
N LEU A 14 3.95 -2.11 7.72
CA LEU A 14 3.28 -3.20 8.40
C LEU A 14 2.19 -2.67 9.33
N THR A 15 2.07 -1.35 9.39
CA THR A 15 1.06 -0.71 10.23
C THR A 15 -0.28 -0.59 9.51
N HIS A 16 -0.26 -0.86 8.21
CA HIS A 16 -1.47 -0.78 7.40
C HIS A 16 -2.65 -1.40 8.14
N ARG A 17 -3.51 -0.56 8.70
CA ARG A 17 -4.68 -1.03 9.43
C ARG A 17 -5.96 -0.50 8.81
N LEU A 18 -5.89 0.71 8.25
CA LEU A 18 -7.05 1.32 7.61
C LEU A 18 -6.78 1.61 6.14
N PHE A 19 -5.52 1.94 5.83
CA PHE A 19 -5.12 2.24 4.46
C PHE A 19 -5.26 1.01 3.58
N ARG A 20 -5.17 -0.18 4.19
CA ARG A 20 -5.27 -1.43 3.46
C ARG A 20 -6.73 -1.88 3.36
N ARG A 21 -7.51 -1.53 4.38
CA ARG A 21 -8.92 -1.90 4.41
C ARG A 21 -9.74 -1.02 3.47
N ASN A 22 -9.32 0.22 3.30
CA ASN A 22 -10.01 1.17 2.43
C ASN A 22 -9.57 0.97 0.97
N PHE A 23 -8.30 0.60 0.79
CA PHE A 23 -7.77 0.39 -0.54
C PHE A 23 -8.57 -0.66 -1.31
N GLY A 24 -9.21 -1.56 -0.56
CA GLY A 24 -10.01 -2.60 -1.18
C GLY A 24 -11.04 -2.05 -2.13
N TYR A 25 -11.48 -0.82 -1.89
CA TYR A 25 -12.48 -0.18 -2.74
C TYR A 25 -11.85 0.31 -4.03
N THR A 26 -10.57 0.65 -3.97
CA THR A 26 -9.85 1.15 -5.15
C THR A 26 -9.26 0.00 -5.94
N LEU A 27 -8.88 -1.06 -5.25
CA LEU A 27 -8.29 -2.23 -5.90
C LEU A 27 -9.26 -3.42 -5.86
N ARG A 28 -10.54 -3.12 -5.83
CA ARG A 28 -11.58 -4.16 -5.80
C ARG A 28 -11.39 -5.13 -6.96
N LYS A 1 12.15 -0.11 -14.92
CA LYS A 1 13.26 -0.99 -14.58
C LYS A 1 13.96 -0.51 -13.31
N TYR A 2 13.53 0.63 -12.79
CA TYR A 2 14.11 1.19 -11.58
C TYR A 2 13.05 1.36 -10.49
N GLU A 3 12.21 2.37 -10.65
CA GLU A 3 11.16 2.65 -9.69
C GLU A 3 10.04 1.62 -9.79
N ILE A 4 10.11 0.78 -10.83
CA ILE A 4 9.11 -0.25 -11.05
C ILE A 4 9.05 -1.23 -9.89
N THR A 5 10.18 -1.34 -9.17
CA THR A 5 10.26 -2.25 -8.03
C THR A 5 9.61 -1.64 -6.80
N THR A 6 9.62 -0.31 -6.73
CA THR A 6 9.03 0.40 -5.61
C THR A 6 7.70 1.04 -5.98
N ILE A 7 6.86 0.27 -6.68
CA ILE A 7 5.56 0.77 -7.11
C ILE A 7 4.82 1.44 -5.95
N HIS A 8 4.10 0.64 -5.16
CA HIS A 8 3.36 1.16 -4.02
C HIS A 8 3.82 0.51 -2.73
N ASN A 9 4.85 -0.31 -2.82
CA ASN A 9 5.38 -1.01 -1.65
C ASN A 9 6.23 -0.07 -0.79
N LEU A 10 5.61 1.03 -0.35
CA LEU A 10 6.29 2.01 0.48
C LEU A 10 5.59 2.17 1.82
N PHE A 11 4.76 1.19 2.17
CA PHE A 11 4.04 1.21 3.43
C PHE A 11 4.98 1.09 4.61
N ARG A 12 5.49 2.22 5.09
CA ARG A 12 6.41 2.24 6.22
C ARG A 12 5.69 1.91 7.52
N LYS A 13 4.38 2.20 7.55
CA LYS A 13 3.58 1.93 8.74
C LYS A 13 3.31 0.44 8.89
N LEU A 14 3.75 -0.13 10.02
CA LEU A 14 3.56 -1.55 10.28
C LEU A 14 2.28 -1.79 11.07
N THR A 15 1.40 -0.78 11.08
CA THR A 15 0.13 -0.89 11.78
C THR A 15 -1.04 -0.71 10.83
N HIS A 16 -1.28 -1.72 10.00
CA HIS A 16 -2.38 -1.68 9.04
C HIS A 16 -3.70 -2.06 9.70
N ARG A 17 -4.02 -1.38 10.80
CA ARG A 17 -5.25 -1.65 11.52
C ARG A 17 -6.47 -1.40 10.64
N LEU A 18 -6.36 -0.41 9.75
CA LEU A 18 -7.45 -0.07 8.85
C LEU A 18 -7.03 -0.23 7.39
N PHE A 19 -5.75 0.05 7.12
CA PHE A 19 -5.22 -0.06 5.77
C PHE A 19 -5.44 -1.46 5.21
N ARG A 20 -5.56 -2.44 6.11
CA ARG A 20 -5.76 -3.82 5.69
C ARG A 20 -7.12 -3.99 5.02
N ARG A 21 -8.09 -3.18 5.45
CA ARG A 21 -9.44 -3.24 4.88
C ARG A 21 -9.81 -1.91 4.22
N ASN A 22 -8.80 -1.16 3.79
CA ASN A 22 -9.01 0.12 3.15
C ASN A 22 -8.54 0.10 1.70
N PHE A 23 -7.70 -0.88 1.37
CA PHE A 23 -7.17 -1.02 0.02
C PHE A 23 -8.30 -0.99 -1.01
N GLY A 24 -9.42 -1.61 -0.66
CA GLY A 24 -10.57 -1.64 -1.56
C GLY A 24 -10.94 -0.27 -2.07
N TYR A 25 -10.66 0.75 -1.28
CA TYR A 25 -10.98 2.13 -1.67
C TYR A 25 -9.95 2.66 -2.66
N THR A 26 -8.71 2.23 -2.51
CA THR A 26 -7.63 2.67 -3.39
C THR A 26 -7.66 1.91 -4.71
N LEU A 27 -7.94 0.61 -4.64
CA LEU A 27 -8.01 -0.23 -5.83
C LEU A 27 -9.14 0.22 -6.75
N ARG A 28 -10.19 0.78 -6.17
CA ARG A 28 -11.34 1.25 -6.93
C ARG A 28 -10.90 2.26 -7.99
N LYS A 1 15.18 -1.46 -0.34
CA LYS A 1 14.48 -0.45 -1.12
C LYS A 1 13.18 -0.03 -0.43
N TYR A 2 12.87 1.25 -0.51
CA TYR A 2 11.66 1.78 0.11
C TYR A 2 10.70 2.33 -0.93
N GLU A 3 10.99 3.51 -1.45
CA GLU A 3 10.16 4.15 -2.47
C GLU A 3 10.62 3.76 -3.87
N ILE A 4 11.92 3.53 -4.02
CA ILE A 4 12.48 3.15 -5.31
C ILE A 4 12.35 1.65 -5.55
N THR A 5 11.68 0.97 -4.62
CA THR A 5 11.47 -0.47 -4.74
C THR A 5 10.94 -0.85 -6.12
N THR A 6 9.67 -0.59 -6.36
CA THR A 6 9.05 -0.90 -7.63
C THR A 6 8.46 0.36 -8.29
N ILE A 7 7.26 0.74 -7.86
CA ILE A 7 6.60 1.91 -8.39
C ILE A 7 6.26 2.90 -7.29
N HIS A 8 5.10 2.73 -6.68
CA HIS A 8 4.66 3.62 -5.61
C HIS A 8 4.36 2.82 -4.33
N ASN A 9 4.72 1.54 -4.35
CA ASN A 9 4.50 0.68 -3.19
C ASN A 9 5.50 0.96 -2.09
N LEU A 10 5.52 2.20 -1.61
CA LEU A 10 6.44 2.61 -0.56
C LEU A 10 5.85 2.31 0.81
N PHE A 11 4.70 1.64 0.82
CA PHE A 11 4.03 1.29 2.07
C PHE A 11 4.97 0.53 2.99
N ARG A 12 5.21 1.08 4.18
CA ARG A 12 6.09 0.45 5.15
C ARG A 12 5.34 0.15 6.45
N LYS A 13 4.39 1.00 6.79
CA LYS A 13 3.59 0.83 8.00
C LYS A 13 2.12 0.64 7.66
N LEU A 14 1.66 1.30 6.61
CA LEU A 14 0.27 1.21 6.19
C LEU A 14 0.11 0.16 5.10
N THR A 15 1.06 -0.77 5.03
CA THR A 15 1.02 -1.84 4.04
C THR A 15 -0.31 -2.56 4.06
N HIS A 16 -0.52 -3.39 5.09
CA HIS A 16 -1.76 -4.15 5.22
C HIS A 16 -2.54 -3.68 6.46
N ARG A 17 -1.99 -2.70 7.16
CA ARG A 17 -2.63 -2.17 8.36
C ARG A 17 -4.07 -1.78 8.08
N LEU A 18 -4.26 -0.66 7.39
CA LEU A 18 -5.59 -0.17 7.05
C LEU A 18 -5.77 -0.10 5.53
N PHE A 19 -4.69 0.19 4.83
CA PHE A 19 -4.73 0.28 3.37
C PHE A 19 -5.33 -1.00 2.76
N ARG A 20 -5.08 -2.12 3.41
CA ARG A 20 -5.58 -3.40 2.94
C ARG A 20 -7.10 -3.36 2.77
N ARG A 21 -7.77 -2.57 3.62
CA ARG A 21 -9.21 -2.45 3.57
C ARG A 21 -9.63 -1.37 2.57
N ASN A 22 -8.77 -0.37 2.40
CA ASN A 22 -9.06 0.72 1.48
C ASN A 22 -9.00 0.24 0.03
N PHE A 23 -8.20 -0.80 -0.22
CA PHE A 23 -8.05 -1.36 -1.56
C PHE A 23 -9.41 -1.80 -2.11
N GLY A 24 -10.32 -2.16 -1.22
CA GLY A 24 -11.64 -2.60 -1.63
C GLY A 24 -12.33 -1.58 -2.51
N TYR A 25 -11.95 -0.33 -2.37
CA TYR A 25 -12.54 0.76 -3.16
C TYR A 25 -11.91 0.82 -4.56
N THR A 26 -10.66 0.39 -4.64
CA THR A 26 -9.94 0.39 -5.92
C THR A 26 -10.18 -0.89 -6.70
N LEU A 27 -10.39 -1.99 -5.96
CA LEU A 27 -10.63 -3.29 -6.58
C LEU A 27 -12.07 -3.41 -7.05
N ARG A 28 -12.98 -2.76 -6.33
CA ARG A 28 -14.40 -2.80 -6.68
C ARG A 28 -14.65 -2.07 -7.99
N LYS A 1 3.53 1.32 -10.98
CA LYS A 1 2.13 1.53 -10.65
C LYS A 1 1.76 0.79 -9.36
N TYR A 2 2.71 0.04 -8.82
CA TYR A 2 2.49 -0.71 -7.59
C TYR A 2 3.47 -0.29 -6.51
N GLU A 3 4.72 -0.74 -6.64
CA GLU A 3 5.76 -0.41 -5.67
C GLU A 3 6.19 1.05 -5.82
N ILE A 4 5.72 1.70 -6.88
CA ILE A 4 6.06 3.09 -7.14
C ILE A 4 5.59 3.99 -5.99
N THR A 5 4.56 3.54 -5.27
CA THR A 5 4.02 4.29 -4.16
C THR A 5 4.84 4.07 -2.89
N THR A 6 5.38 2.87 -2.75
CA THR A 6 6.19 2.53 -1.58
C THR A 6 7.67 2.67 -1.89
N ILE A 7 8.29 3.69 -1.32
CA ILE A 7 9.72 3.94 -1.52
C ILE A 7 10.53 3.54 -0.29
N HIS A 8 10.47 4.38 0.74
CA HIS A 8 11.19 4.12 1.98
C HIS A 8 10.24 4.04 3.16
N ASN A 9 9.61 5.17 3.50
CA ASN A 9 8.67 5.22 4.62
C ASN A 9 7.29 5.67 4.14
N LEU A 10 7.19 6.00 2.86
CA LEU A 10 5.93 6.44 2.27
C LEU A 10 4.81 5.46 2.61
N PHE A 11 4.81 4.33 1.92
CA PHE A 11 3.79 3.30 2.14
C PHE A 11 4.29 2.24 3.11
N ARG A 12 5.29 2.60 3.92
CA ARG A 12 5.85 1.67 4.89
C ARG A 12 5.72 2.22 6.31
N LYS A 13 4.49 2.52 6.70
CA LYS A 13 4.22 3.05 8.03
C LYS A 13 4.55 2.03 9.11
N LEU A 14 3.60 1.13 9.37
CA LEU A 14 3.77 0.09 10.37
C LEU A 14 3.64 -1.30 9.74
N THR A 15 2.43 -1.83 9.76
CA THR A 15 2.17 -3.15 9.19
C THR A 15 1.08 -3.08 8.12
N HIS A 16 -0.17 -3.16 8.54
CA HIS A 16 -1.30 -3.11 7.61
C HIS A 16 -2.23 -1.96 7.97
N ARG A 17 -1.69 -0.75 8.00
CA ARG A 17 -2.49 0.43 8.34
C ARG A 17 -3.77 0.48 7.50
N LEU A 18 -3.63 0.83 6.24
CA LEU A 18 -4.78 0.91 5.34
C LEU A 18 -4.61 -0.03 4.15
N PHE A 19 -3.42 -0.62 4.04
CA PHE A 19 -3.14 -1.55 2.95
C PHE A 19 -3.98 -2.81 3.06
N ARG A 20 -4.59 -3.00 4.24
CA ARG A 20 -5.43 -4.16 4.47
C ARG A 20 -6.71 -4.10 3.64
N ARG A 21 -7.20 -2.89 3.41
CA ARG A 21 -8.41 -2.68 2.62
C ARG A 21 -8.12 -1.82 1.40
N ASN A 22 -6.89 -1.87 0.92
CA ASN A 22 -6.50 -1.09 -0.24
C ASN A 22 -6.08 -2.00 -1.39
N PHE A 23 -5.77 -3.25 -1.07
CA PHE A 23 -5.37 -4.22 -2.08
C PHE A 23 -6.35 -4.25 -3.24
N GLY A 24 -7.64 -4.11 -2.92
CA GLY A 24 -8.66 -4.13 -3.95
C GLY A 24 -8.37 -3.16 -5.08
N TYR A 25 -7.65 -2.09 -4.75
CA TYR A 25 -7.29 -1.08 -5.76
C TYR A 25 -6.13 -1.56 -6.63
N THR A 26 -5.23 -2.32 -6.03
CA THR A 26 -4.07 -2.85 -6.76
C THR A 26 -4.46 -4.07 -7.59
N LEU A 27 -5.30 -4.92 -7.02
CA LEU A 27 -5.74 -6.13 -7.72
C LEU A 27 -6.58 -5.78 -8.94
N ARG A 28 -7.27 -4.65 -8.87
CA ARG A 28 -8.11 -4.20 -9.98
C ARG A 28 -7.32 -3.32 -10.93
N LYS A 1 4.44 5.37 -11.78
CA LYS A 1 3.35 4.39 -11.74
C LYS A 1 3.81 3.04 -12.30
N TYR A 2 5.09 2.96 -12.65
CA TYR A 2 5.66 1.72 -13.18
C TYR A 2 6.81 1.23 -12.30
N GLU A 3 7.99 1.79 -12.52
CA GLU A 3 9.17 1.40 -11.76
C GLU A 3 9.46 2.41 -10.65
N ILE A 4 8.49 3.28 -10.37
CA ILE A 4 8.64 4.29 -9.35
C ILE A 4 7.69 4.04 -8.18
N THR A 5 6.59 3.34 -8.45
CA THR A 5 5.60 3.02 -7.42
C THR A 5 6.27 2.46 -6.17
N THR A 6 6.03 3.10 -5.04
CA THR A 6 6.61 2.66 -3.77
C THR A 6 5.53 2.28 -2.78
N ILE A 7 5.25 0.99 -2.66
CA ILE A 7 4.23 0.49 -1.74
C ILE A 7 4.83 -0.46 -0.72
N HIS A 8 5.13 -1.68 -1.16
CA HIS A 8 5.72 -2.69 -0.28
C HIS A 8 7.14 -2.32 0.11
N ASN A 9 7.69 -1.33 -0.59
CA ASN A 9 9.06 -0.87 -0.32
C ASN A 9 9.11 -0.02 0.94
N LEU A 10 8.08 0.81 1.12
CA LEU A 10 8.00 1.68 2.29
C LEU A 10 6.75 1.38 3.11
N PHE A 11 6.38 0.11 3.17
CA PHE A 11 5.20 -0.30 3.92
C PHE A 11 5.60 -0.78 5.32
N ARG A 12 6.71 -0.27 5.82
CA ARG A 12 7.21 -0.65 7.14
C ARG A 12 6.15 -0.36 8.21
N LYS A 13 5.28 0.59 7.93
CA LYS A 13 4.22 0.96 8.87
C LYS A 13 3.43 -0.27 9.30
N LEU A 14 3.44 -0.54 10.61
CA LEU A 14 2.72 -1.68 11.16
C LEU A 14 1.34 -1.27 11.65
N THR A 15 0.70 -0.36 10.93
CA THR A 15 -0.63 0.11 11.29
C THR A 15 -1.65 -0.19 10.19
N HIS A 16 -1.99 -1.46 10.04
CA HIS A 16 -2.96 -1.89 9.03
C HIS A 16 -4.37 -1.50 9.43
N ARG A 17 -4.68 -0.22 9.36
CA ARG A 17 -6.00 0.28 9.73
C ARG A 17 -6.78 0.69 8.49
N LEU A 18 -6.43 1.83 7.91
CA LEU A 18 -7.11 2.33 6.71
C LEU A 18 -6.18 2.26 5.50
N PHE A 19 -5.22 1.34 5.54
CA PHE A 19 -4.27 1.18 4.44
C PHE A 19 -4.44 -0.18 3.77
N ARG A 20 -4.95 -1.15 4.53
CA ARG A 20 -5.16 -2.49 4.01
C ARG A 20 -6.63 -2.88 4.09
N ARG A 21 -7.51 -1.89 3.98
CA ARG A 21 -8.94 -2.13 4.05
C ARG A 21 -9.63 -1.70 2.76
N ASN A 22 -9.09 -0.65 2.12
CA ASN A 22 -9.65 -0.14 0.88
C ASN A 22 -8.63 -0.22 -0.25
N PHE A 23 -7.35 -0.05 0.10
CA PHE A 23 -6.28 -0.09 -0.88
C PHE A 23 -6.24 -1.45 -1.58
N GLY A 24 -6.73 -2.47 -0.90
CA GLY A 24 -6.74 -3.81 -1.47
C GLY A 24 -7.56 -3.88 -2.75
N TYR A 25 -8.44 -2.90 -2.95
CA TYR A 25 -9.29 -2.87 -4.13
C TYR A 25 -8.59 -2.13 -5.28
N THR A 26 -7.68 -1.24 -4.92
CA THR A 26 -6.94 -0.47 -5.92
C THR A 26 -5.56 -1.07 -6.17
N LEU A 27 -4.65 -0.88 -5.22
CA LEU A 27 -3.30 -1.41 -5.34
C LEU A 27 -3.09 -2.59 -4.41
N ARG A 28 -3.90 -3.63 -4.58
CA ARG A 28 -3.80 -4.82 -3.75
C ARG A 28 -2.37 -5.36 -3.72
N LYS A 1 10.43 9.30 -12.86
CA LYS A 1 10.71 7.98 -12.31
C LYS A 1 9.82 6.92 -12.95
N TYR A 2 10.37 5.73 -13.14
CA TYR A 2 9.64 4.63 -13.75
C TYR A 2 9.45 3.49 -12.76
N GLU A 3 10.53 2.73 -12.52
CA GLU A 3 10.49 1.61 -11.59
C GLU A 3 10.90 2.05 -10.19
N ILE A 4 11.87 2.95 -10.11
CA ILE A 4 12.36 3.44 -8.83
C ILE A 4 11.35 4.41 -8.20
N THR A 5 10.30 4.73 -8.95
CA THR A 5 9.27 5.63 -8.46
C THR A 5 8.76 5.20 -7.09
N THR A 6 8.90 6.08 -6.11
CA THR A 6 8.46 5.78 -4.75
C THR A 6 7.02 6.22 -4.54
N ILE A 7 6.11 5.24 -4.43
CA ILE A 7 4.70 5.53 -4.23
C ILE A 7 4.19 4.90 -2.94
N HIS A 8 3.85 3.62 -3.00
CA HIS A 8 3.36 2.90 -1.83
C HIS A 8 4.24 1.69 -1.52
N ASN A 9 5.33 1.56 -2.27
CA ASN A 9 6.26 0.45 -2.07
C ASN A 9 6.61 0.28 -0.59
N LEU A 10 6.61 1.40 0.13
CA LEU A 10 6.92 1.38 1.56
C LEU A 10 5.74 0.84 2.37
N PHE A 11 5.41 -0.42 2.16
CA PHE A 11 4.30 -1.05 2.87
C PHE A 11 4.70 -1.41 4.30
N ARG A 12 5.05 -0.41 5.08
CA ARG A 12 5.46 -0.61 6.46
C ARG A 12 4.26 -0.99 7.33
N LYS A 13 3.43 -0.01 7.65
CA LYS A 13 2.24 -0.23 8.47
C LYS A 13 0.99 -0.27 7.61
N LEU A 14 0.74 -1.42 6.98
CA LEU A 14 -0.44 -1.59 6.13
C LEU A 14 -1.42 -2.57 6.75
N THR A 15 -1.45 -2.63 8.08
CA THR A 15 -2.34 -3.53 8.80
C THR A 15 -3.69 -2.87 9.07
N HIS A 16 -3.72 -2.01 10.09
CA HIS A 16 -4.94 -1.32 10.46
C HIS A 16 -4.74 0.20 10.41
N ARG A 17 -3.57 0.62 9.93
CA ARG A 17 -3.26 2.03 9.82
C ARG A 17 -4.12 2.71 8.76
N LEU A 18 -3.73 2.57 7.51
CA LEU A 18 -4.46 3.16 6.40
C LEU A 18 -4.93 2.09 5.42
N PHE A 19 -4.23 0.96 5.40
CA PHE A 19 -4.58 -0.14 4.52
C PHE A 19 -5.59 -1.08 5.18
N ARG A 20 -6.15 -0.64 6.31
CA ARG A 20 -7.12 -1.44 7.03
C ARG A 20 -8.22 -1.95 6.11
N ARG A 21 -9.12 -1.05 5.72
CA ARG A 21 -10.22 -1.40 4.84
C ARG A 21 -9.76 -1.46 3.39
N ASN A 22 -8.70 -0.71 3.08
CA ASN A 22 -8.16 -0.67 1.72
C ASN A 22 -7.82 -2.08 1.24
N PHE A 23 -7.53 -2.97 2.18
CA PHE A 23 -7.18 -4.35 1.85
C PHE A 23 -8.24 -4.97 0.96
N GLY A 24 -9.48 -4.52 1.11
CA GLY A 24 -10.57 -5.04 0.32
C GLY A 24 -10.28 -5.00 -1.17
N TYR A 25 -9.44 -4.05 -1.58
CA TYR A 25 -9.09 -3.90 -2.99
C TYR A 25 -8.07 -4.95 -3.40
N THR A 26 -7.20 -5.33 -2.45
CA THR A 26 -6.17 -6.33 -2.72
C THR A 26 -6.72 -7.74 -2.57
N LEU A 27 -7.68 -7.91 -1.67
CA LEU A 27 -8.28 -9.21 -1.42
C LEU A 27 -9.19 -9.61 -2.59
N ARG A 28 -9.77 -8.61 -3.26
CA ARG A 28 -10.65 -8.87 -4.39
C ARG A 28 -9.85 -9.33 -5.60
N LYS A 1 14.92 5.31 -12.70
CA LYS A 1 14.55 3.93 -12.36
C LYS A 1 13.31 3.91 -11.49
N TYR A 2 13.06 2.75 -10.87
CA TYR A 2 11.90 2.59 -10.00
C TYR A 2 12.31 2.59 -8.54
N GLU A 3 12.98 1.53 -8.12
CA GLU A 3 13.44 1.40 -6.73
C GLU A 3 14.25 2.62 -6.31
N ILE A 4 14.77 3.35 -7.30
CA ILE A 4 15.57 4.54 -7.03
C ILE A 4 14.73 5.60 -6.33
N THR A 5 13.43 5.58 -6.56
CA THR A 5 12.53 6.54 -5.95
C THR A 5 11.61 5.87 -4.93
N THR A 6 11.69 6.31 -3.68
CA THR A 6 10.87 5.75 -2.62
C THR A 6 9.75 6.71 -2.22
N ILE A 7 8.52 6.33 -2.52
CA ILE A 7 7.36 7.15 -2.20
C ILE A 7 6.46 6.46 -1.18
N HIS A 8 5.82 5.38 -1.59
CA HIS A 8 4.94 4.63 -0.71
C HIS A 8 5.42 3.19 -0.55
N ASN A 9 6.65 2.93 -0.99
CA ASN A 9 7.22 1.59 -0.90
C ASN A 9 6.88 0.94 0.43
N LEU A 10 6.85 1.74 1.49
CA LEU A 10 6.53 1.25 2.83
C LEU A 10 5.03 0.99 2.97
N PHE A 11 4.50 0.12 2.11
CA PHE A 11 3.08 -0.21 2.15
C PHE A 11 2.75 -1.05 3.37
N ARG A 12 3.75 -1.72 3.92
CA ARG A 12 3.57 -2.57 5.09
C ARG A 12 3.97 -1.83 6.37
N LYS A 13 3.97 -0.51 6.30
CA LYS A 13 4.34 0.32 7.45
C LYS A 13 3.09 0.78 8.20
N LEU A 14 2.41 1.78 7.64
CA LEU A 14 1.20 2.31 8.27
C LEU A 14 0.00 2.18 7.33
N THR A 15 0.27 2.28 6.02
CA THR A 15 -0.78 2.16 5.03
C THR A 15 -1.50 0.82 5.11
N HIS A 16 -0.75 -0.21 5.47
CA HIS A 16 -1.31 -1.55 5.60
C HIS A 16 -2.27 -1.63 6.78
N ARG A 17 -2.26 -0.60 7.61
CA ARG A 17 -3.13 -0.55 8.79
C ARG A 17 -4.59 -0.32 8.37
N LEU A 18 -4.78 0.30 7.22
CA LEU A 18 -6.12 0.57 6.70
C LEU A 18 -6.34 -0.10 5.35
N PHE A 19 -5.26 -0.20 4.56
CA PHE A 19 -5.34 -0.82 3.25
C PHE A 19 -5.78 -2.28 3.36
N ARG A 20 -5.52 -2.88 4.52
CA ARG A 20 -5.88 -4.27 4.75
C ARG A 20 -7.40 -4.44 4.77
N ARG A 21 -8.10 -3.40 5.18
CA ARG A 21 -9.56 -3.43 5.25
C ARG A 21 -10.17 -2.39 4.32
N ASN A 22 -9.42 -2.01 3.29
CA ASN A 22 -9.90 -1.02 2.33
C ASN A 22 -10.05 -1.63 0.94
N PHE A 23 -9.41 -2.77 0.73
CA PHE A 23 -9.48 -3.46 -0.56
C PHE A 23 -10.93 -3.63 -1.01
N GLY A 24 -11.81 -3.91 -0.05
CA GLY A 24 -13.21 -4.09 -0.36
C GLY A 24 -13.78 -2.95 -1.19
N TYR A 25 -13.20 -1.77 -1.03
CA TYR A 25 -13.65 -0.58 -1.76
C TYR A 25 -13.12 -0.60 -3.19
N THR A 26 -11.92 -1.14 -3.37
CA THR A 26 -11.31 -1.23 -4.68
C THR A 26 -11.87 -2.40 -5.49
N LEU A 27 -12.09 -3.51 -4.82
CA LEU A 27 -12.63 -4.71 -5.46
C LEU A 27 -14.03 -4.44 -6.02
N ARG A 28 -14.77 -3.57 -5.33
CA ARG A 28 -16.13 -3.24 -5.76
C ARG A 28 -16.18 -1.81 -6.30
N LYS A 1 11.55 -2.31 -1.25
CA LYS A 1 11.86 -1.45 -0.11
C LYS A 1 12.54 -0.16 -0.58
N TYR A 2 12.69 -0.01 -1.89
CA TYR A 2 13.32 1.17 -2.46
C TYR A 2 12.32 1.98 -3.27
N GLU A 3 11.91 1.41 -4.41
CA GLU A 3 10.95 2.07 -5.29
C GLU A 3 9.60 2.21 -4.61
N ILE A 4 9.44 1.55 -3.47
CA ILE A 4 8.18 1.60 -2.73
C ILE A 4 7.80 3.04 -2.39
N THR A 5 8.78 3.93 -2.44
CA THR A 5 8.55 5.34 -2.15
C THR A 5 8.25 6.13 -3.42
N THR A 6 7.85 5.42 -4.47
CA THR A 6 7.53 6.05 -5.74
C THR A 6 6.56 7.21 -5.56
N ILE A 7 5.30 6.89 -5.30
CA ILE A 7 4.28 7.91 -5.09
C ILE A 7 3.65 7.79 -3.71
N HIS A 8 2.60 6.97 -3.61
CA HIS A 8 1.92 6.77 -2.34
C HIS A 8 1.87 5.30 -1.98
N ASN A 9 2.49 4.47 -2.82
CA ASN A 9 2.52 3.03 -2.58
C ASN A 9 3.59 2.68 -1.55
N LEU A 10 3.49 3.27 -0.36
CA LEU A 10 4.44 3.02 0.71
C LEU A 10 4.27 1.61 1.26
N PHE A 11 3.09 1.03 1.08
CA PHE A 11 2.80 -0.31 1.56
C PHE A 11 3.83 -1.30 1.04
N ARG A 12 4.53 -1.97 1.96
CA ARG A 12 5.54 -2.95 1.59
C ARG A 12 4.97 -4.36 1.63
N LYS A 13 4.78 -4.89 2.83
CA LYS A 13 4.24 -6.24 3.00
C LYS A 13 2.96 -6.21 3.81
N LEU A 14 3.08 -6.01 5.11
CA LEU A 14 1.92 -5.95 5.99
C LEU A 14 1.83 -4.61 6.71
N THR A 15 2.33 -3.56 6.05
CA THR A 15 2.32 -2.22 6.61
C THR A 15 1.02 -1.50 6.26
N HIS A 16 0.33 -1.98 5.23
CA HIS A 16 -0.91 -1.37 4.80
C HIS A 16 -1.84 -1.11 5.97
N ARG A 17 -1.86 0.14 6.42
CA ARG A 17 -2.70 0.53 7.56
C ARG A 17 -3.80 1.49 7.12
N LEU A 18 -3.50 2.31 6.12
CA LEU A 18 -4.46 3.27 5.61
C LEU A 18 -4.79 2.99 4.14
N PHE A 19 -3.80 2.48 3.41
CA PHE A 19 -3.98 2.16 2.00
C PHE A 19 -4.97 1.01 1.83
N ARG A 20 -5.06 0.16 2.84
CA ARG A 20 -5.96 -0.99 2.79
C ARG A 20 -7.41 -0.53 2.66
N ARG A 21 -7.69 0.67 3.16
CA ARG A 21 -9.04 1.22 3.10
C ARG A 21 -9.43 1.56 1.66
N ASN A 22 -8.44 1.94 0.86
CA ASN A 22 -8.67 2.30 -0.53
C ASN A 22 -8.48 1.10 -1.44
N PHE A 23 -7.55 0.21 -1.05
CA PHE A 23 -7.27 -0.98 -1.84
C PHE A 23 -8.54 -1.81 -2.04
N GLY A 24 -9.48 -1.68 -1.12
CA GLY A 24 -10.73 -2.42 -1.22
C GLY A 24 -11.44 -2.20 -2.54
N TYR A 25 -11.16 -1.06 -3.17
CA TYR A 25 -11.77 -0.73 -4.45
C TYR A 25 -11.03 -1.40 -5.60
N THR A 26 -9.75 -1.66 -5.40
CA THR A 26 -8.92 -2.30 -6.41
C THR A 26 -8.99 -3.81 -6.30
N LEU A 27 -9.15 -4.31 -5.08
CA LEU A 27 -9.22 -5.74 -4.84
C LEU A 27 -10.66 -6.23 -4.93
N ARG A 28 -11.60 -5.36 -4.59
CA ARG A 28 -13.02 -5.70 -4.63
C ARG A 28 -13.76 -4.82 -5.62
#